data_3B7T
#
_entry.id   3B7T
#
_cell.length_a   78.490
_cell.length_b   87.785
_cell.length_c   99.916
_cell.angle_alpha   90.000
_cell.angle_beta   90.000
_cell.angle_gamma   90.000
#
_symmetry.space_group_name_H-M   'P 21 21 21'
#
loop_
_entity.id
_entity.type
_entity.pdbx_description
1 polymer 'Leukotriene A-4 hydrolase'
2 polymer 'RAR peptide'
3 non-polymer 'ZINC ION'
4 non-polymer 'YTTERBIUM (III) ION'
5 non-polymer IMIDAZOLE
6 water water
#
loop_
_entity_poly.entity_id
_entity_poly.type
_entity_poly.pdbx_seq_one_letter_code
_entity_poly.pdbx_strand_id
1 'polypeptide(L)'
;HHHHHHPEIVDTCSLASPASVCRTKHLHLRCSVDFTRRTLTGTAALTVQSQEDNLRSLVLDTKDLTIEKVVINGQEVKYA
LGERQSYKGSPMEISLPIALSKNQEIVIEISFETSPKSSALQWLTPEQTSGKEHPYLFSQCQAIHCRAILPCQDTPSVKL
TYTAEVSVPKELVALMSAIRDGETPDPEDPSRKIYKFIQKVPIPCYLIALVVGALESRQIGPRTLVWSEKEQVEKSAYEF
SETESMLKIAEDLGGPYVWGQYDLLVLPPSFPYGGMENPCLTFVTPTLLAGDKSLSNVIAHQISHSWTGNLVTNKTWDHF
WLNEGHTVYLERHICGRLFGEKFRHFNALGGWGELQNSVKTFGETHPFTKLVVDLTDIDPDVAYSSVPYEKGFALLFYLE
QLLGGPEIFLGFLKAYVEKFSYKSITTDDWKDFLYSYFKDKVDVLNQVDWNAWLYSPGLPPIKPNYDMTLTNACIALSQR
WITAKEDDLNSFNATDLKDLSSHQLNEFLAQTLQRAPLPLGHIKRMQEVYNFNAINNSEIRFRWLRLCIQSKWEDAIPLA
LKMATEQGRMKFTRPLFKDLAAFDKSHDQAVRTYQEHKASMHPVTAMLVGKDLKVD
;
A
2 'polypeptide(L)' RAR B
#
# COMPACT_ATOMS: atom_id res chain seq x y z
N PRO A 7 -29.18 9.21 -4.86
CA PRO A 7 -27.98 8.42 -4.49
C PRO A 7 -26.70 9.24 -4.69
N GLU A 8 -26.61 10.36 -3.97
CA GLU A 8 -25.45 11.23 -4.07
C GLU A 8 -24.38 10.90 -3.04
N ILE A 9 -23.16 10.67 -3.52
CA ILE A 9 -22.02 10.37 -2.66
C ILE A 9 -20.86 11.22 -3.18
N VAL A 10 -20.44 12.19 -2.38
CA VAL A 10 -19.33 13.06 -2.75
C VAL A 10 -18.04 12.58 -2.09
N ASP A 11 -16.91 12.97 -2.65
CA ASP A 11 -15.63 12.58 -2.09
C ASP A 11 -15.17 13.67 -1.13
N THR A 12 -15.33 13.41 0.16
CA THR A 12 -14.95 14.37 1.17
C THR A 12 -13.45 14.68 1.21
N CYS A 13 -12.64 13.82 0.60
CA CYS A 13 -11.19 14.04 0.60
C CYS A 13 -10.71 14.91 -0.56
N SER A 14 -11.60 15.22 -1.49
CA SER A 14 -11.21 16.04 -2.64
C SER A 14 -11.81 17.44 -2.60
N LEU A 15 -11.09 18.40 -3.18
CA LEU A 15 -11.54 19.78 -3.25
C LEU A 15 -11.86 20.11 -4.70
N ALA A 16 -11.69 19.12 -5.57
CA ALA A 16 -11.93 19.28 -7.00
C ALA A 16 -13.40 19.13 -7.36
N SER A 17 -13.73 19.50 -8.58
CA SER A 17 -15.09 19.38 -9.08
C SER A 17 -15.34 17.88 -9.17
N PRO A 18 -16.52 17.43 -8.72
CA PRO A 18 -16.92 16.02 -8.72
C PRO A 18 -17.14 15.46 -10.12
N ALA A 19 -17.06 14.14 -10.23
CA ALA A 19 -17.24 13.46 -11.50
C ALA A 19 -18.62 13.73 -12.10
N SER A 20 -19.53 14.28 -11.31
CA SER A 20 -20.88 14.56 -11.81
C SER A 20 -20.91 15.89 -12.57
N VAL A 21 -19.85 16.68 -12.42
CA VAL A 21 -19.74 17.96 -13.09
C VAL A 21 -18.86 17.81 -14.34
N CYS A 22 -17.71 17.18 -14.18
CA CYS A 22 -16.80 16.96 -15.30
C CYS A 22 -15.84 15.85 -14.93
N ARG A 23 -15.36 15.11 -15.93
CA ARG A 23 -14.41 14.05 -15.63
C ARG A 23 -13.24 14.04 -16.59
N THR A 24 -12.06 13.83 -16.02
CA THR A 24 -10.80 13.77 -16.77
C THR A 24 -10.75 12.46 -17.56
N LYS A 25 -10.50 12.56 -18.85
CA LYS A 25 -10.44 11.38 -19.72
C LYS A 25 -9.04 10.92 -20.04
N HIS A 26 -8.09 11.85 -20.04
CA HIS A 26 -6.73 11.51 -20.41
C HIS A 26 -5.73 12.53 -19.92
N LEU A 27 -4.58 12.05 -19.47
CA LEU A 27 -3.54 12.97 -19.02
C LEU A 27 -2.28 12.79 -19.87
N HIS A 28 -1.80 13.85 -20.52
CA HIS A 28 -0.53 13.70 -21.24
C HIS A 28 0.46 14.53 -20.47
N LEU A 29 1.47 13.87 -19.92
CA LEU A 29 2.47 14.53 -19.09
C LEU A 29 3.83 14.70 -19.78
N ARG A 30 4.41 15.87 -19.63
CA ARG A 30 5.73 16.16 -20.16
C ARG A 30 6.47 16.83 -19.03
N CYS A 31 7.41 16.13 -18.43
CA CYS A 31 8.14 16.73 -17.33
C CYS A 31 9.63 16.37 -17.32
N SER A 32 10.37 17.16 -16.57
CA SER A 32 11.79 16.97 -16.44
C SER A 32 12.08 16.77 -14.96
N VAL A 33 12.95 15.81 -14.65
CA VAL A 33 13.33 15.52 -13.27
C VAL A 33 14.62 16.31 -12.97
N ASP A 34 14.56 17.18 -11.96
CA ASP A 34 15.73 17.99 -11.58
C ASP A 34 16.24 17.70 -10.18
N PHE A 35 17.28 16.87 -10.13
CA PHE A 35 17.89 16.45 -8.87
C PHE A 35 18.63 17.55 -8.12
N THR A 36 18.96 18.64 -8.81
CA THR A 36 19.66 19.74 -8.16
C THR A 36 18.70 20.58 -7.32
N ARG A 37 17.47 20.71 -7.80
CA ARG A 37 16.46 21.50 -7.11
C ARG A 37 15.41 20.63 -6.46
N ARG A 38 15.52 19.32 -6.70
CA ARG A 38 14.55 18.37 -6.16
C ARG A 38 13.14 18.77 -6.56
N THR A 39 12.99 19.11 -7.83
CA THR A 39 11.67 19.50 -8.32
C THR A 39 11.42 18.77 -9.61
N LEU A 40 10.15 18.57 -9.90
CA LEU A 40 9.70 17.93 -11.12
C LEU A 40 9.02 19.10 -11.83
N THR A 41 9.46 19.42 -13.04
CA THR A 41 8.89 20.55 -13.79
C THR A 41 8.41 20.10 -15.17
N GLY A 42 7.28 20.65 -15.61
CA GLY A 42 6.76 20.32 -16.91
C GLY A 42 5.31 20.72 -17.09
N THR A 43 4.65 20.12 -18.07
CA THR A 43 3.26 20.44 -18.30
C THR A 43 2.40 19.19 -18.21
N ALA A 44 1.17 19.39 -17.78
CA ALA A 44 0.21 18.30 -17.69
C ALA A 44 -0.95 18.76 -18.54
N ALA A 45 -1.22 18.07 -19.63
CA ALA A 45 -2.34 18.46 -20.49
C ALA A 45 -3.49 17.51 -20.14
N LEU A 46 -4.54 18.05 -19.54
CA LEU A 46 -5.69 17.23 -19.15
C LEU A 46 -6.81 17.35 -20.16
N THR A 47 -7.27 16.22 -20.68
CA THR A 47 -8.39 16.20 -21.60
C THR A 47 -9.57 16.00 -20.66
N VAL A 48 -10.42 17.02 -20.54
CA VAL A 48 -11.55 16.94 -19.63
C VAL A 48 -12.86 16.93 -20.40
N GLN A 49 -13.83 16.19 -19.87
CA GLN A 49 -15.12 16.10 -20.50
C GLN A 49 -16.21 16.61 -19.56
N SER A 50 -17.04 17.52 -20.06
CA SER A 50 -18.10 18.08 -19.25
C SER A 50 -19.26 17.10 -19.05
N GLN A 51 -19.90 17.14 -17.88
CA GLN A 51 -21.04 16.25 -17.61
C GLN A 51 -22.27 17.12 -17.41
N GLU A 52 -22.08 18.44 -17.51
CA GLU A 52 -23.17 19.39 -17.33
C GLU A 52 -23.26 20.33 -18.51
N ASP A 53 -24.39 21.03 -18.60
CA ASP A 53 -24.58 21.98 -19.66
C ASP A 53 -24.10 23.37 -19.22
N ASN A 54 -23.50 24.10 -20.15
CA ASN A 54 -23.00 25.45 -19.87
C ASN A 54 -21.96 25.48 -18.74
N LEU A 55 -20.96 24.61 -18.81
CA LEU A 55 -19.92 24.59 -17.78
C LEU A 55 -18.96 25.74 -18.09
N ARG A 56 -18.69 26.58 -17.10
CA ARG A 56 -17.81 27.74 -17.31
C ARG A 56 -16.52 27.76 -16.51
N SER A 57 -16.40 26.83 -15.56
CA SER A 57 -15.20 26.73 -14.73
C SER A 57 -15.15 25.37 -14.03
N LEU A 58 -13.95 24.97 -13.63
CA LEU A 58 -13.76 23.70 -12.92
C LEU A 58 -12.65 23.85 -11.88
N VAL A 59 -12.76 23.07 -10.81
CA VAL A 59 -11.77 23.14 -9.74
C VAL A 59 -10.95 21.87 -9.73
N LEU A 60 -9.66 22.02 -9.42
CA LEU A 60 -8.73 20.90 -9.34
C LEU A 60 -8.00 20.93 -8.01
N ASP A 61 -7.50 19.78 -7.59
CA ASP A 61 -6.76 19.68 -6.35
C ASP A 61 -5.29 19.95 -6.63
N THR A 62 -4.61 20.55 -5.67
CA THR A 62 -3.17 20.83 -5.75
C THR A 62 -2.69 20.89 -4.32
N LYS A 63 -1.40 20.66 -4.10
CA LYS A 63 -0.84 20.70 -2.77
C LYS A 63 0.65 20.99 -2.87
N ASP A 64 1.03 22.22 -2.54
CA ASP A 64 2.43 22.62 -2.59
C ASP A 64 2.98 22.62 -4.01
N LEU A 65 2.15 22.94 -4.99
CA LEU A 65 2.63 23.00 -6.37
C LEU A 65 2.71 24.46 -6.75
N THR A 66 3.68 24.79 -7.60
CA THR A 66 3.86 26.15 -8.08
C THR A 66 3.37 26.21 -9.53
N ILE A 67 2.20 26.82 -9.73
CA ILE A 67 1.61 26.93 -11.08
C ILE A 67 2.18 28.14 -11.84
N GLU A 68 2.66 27.92 -13.05
CA GLU A 68 3.20 29.01 -13.85
C GLU A 68 2.13 29.63 -14.73
N LYS A 69 1.35 28.77 -15.39
CA LYS A 69 0.28 29.23 -16.28
C LYS A 69 -0.63 28.10 -16.75
N VAL A 70 -1.82 28.48 -17.19
CA VAL A 70 -2.81 27.55 -17.68
C VAL A 70 -3.19 28.00 -19.08
N VAL A 71 -3.07 27.10 -20.04
CA VAL A 71 -3.37 27.44 -21.41
C VAL A 71 -4.46 26.55 -22.01
N ILE A 72 -5.45 27.17 -22.64
CA ILE A 72 -6.53 26.47 -23.32
C ILE A 72 -6.72 27.07 -24.71
N ASN A 73 -6.82 26.22 -25.73
CA ASN A 73 -6.98 26.68 -27.10
C ASN A 73 -5.90 27.68 -27.49
N GLY A 74 -4.69 27.45 -27.00
CA GLY A 74 -3.57 28.31 -27.35
C GLY A 74 -3.46 29.63 -26.61
N GLN A 75 -4.39 29.90 -25.71
CA GLN A 75 -4.36 31.16 -24.97
C GLN A 75 -4.29 30.94 -23.45
N GLU A 76 -3.75 31.92 -22.73
CA GLU A 76 -3.65 31.82 -21.29
C GLU A 76 -4.98 32.19 -20.65
N VAL A 77 -5.36 31.50 -19.58
CA VAL A 77 -6.64 31.77 -18.94
C VAL A 77 -6.51 32.12 -17.45
N LYS A 78 -7.61 32.62 -16.90
CA LYS A 78 -7.68 33.00 -15.49
C LYS A 78 -7.86 31.78 -14.60
N TYR A 79 -7.23 31.82 -13.43
CA TYR A 79 -7.31 30.73 -12.47
C TYR A 79 -6.96 31.32 -11.10
N ALA A 80 -7.48 30.72 -10.05
CA ALA A 80 -7.20 31.21 -8.70
C ALA A 80 -6.97 30.04 -7.76
N LEU A 81 -6.10 30.25 -6.78
CA LEU A 81 -5.80 29.21 -5.80
C LEU A 81 -6.39 29.60 -4.47
N GLY A 82 -7.30 28.78 -3.96
CA GLY A 82 -7.90 29.07 -2.67
C GLY A 82 -6.89 28.87 -1.57
N GLU A 83 -7.32 29.04 -0.32
CA GLU A 83 -6.44 28.86 0.83
C GLU A 83 -6.26 27.39 1.16
N ARG A 84 -5.03 27.01 1.48
CA ARG A 84 -4.73 25.64 1.82
C ARG A 84 -5.69 25.14 2.88
N GLN A 85 -5.95 23.83 2.85
CA GLN A 85 -6.83 23.22 3.81
C GLN A 85 -6.14 21.97 4.32
N SER A 86 -5.08 22.20 5.08
CA SER A 86 -4.24 21.16 5.65
C SER A 86 -3.91 20.10 4.62
N TYR A 87 -4.03 18.83 5.02
CA TYR A 87 -3.71 17.71 4.16
C TYR A 87 -4.45 17.66 2.83
N LYS A 88 -5.56 18.39 2.69
CA LYS A 88 -6.30 18.38 1.42
C LYS A 88 -5.64 19.27 0.38
N GLY A 89 -4.79 20.20 0.83
CA GLY A 89 -4.11 21.09 -0.11
C GLY A 89 -4.97 22.28 -0.50
N SER A 90 -4.62 22.93 -1.61
CA SER A 90 -5.35 24.09 -2.07
C SER A 90 -6.17 23.82 -3.34
N PRO A 91 -7.37 24.38 -3.41
CA PRO A 91 -8.20 24.17 -4.60
C PRO A 91 -7.74 25.17 -5.67
N MET A 92 -7.74 24.73 -6.94
CA MET A 92 -7.33 25.59 -8.04
C MET A 92 -8.50 25.72 -9.01
N GLU A 93 -9.14 26.88 -9.02
CA GLU A 93 -10.30 27.10 -9.88
C GLU A 93 -9.87 27.73 -11.19
N ILE A 94 -10.21 27.08 -12.29
CA ILE A 94 -9.86 27.54 -13.63
C ILE A 94 -11.09 28.02 -14.37
N SER A 95 -10.98 29.18 -15.00
CA SER A 95 -12.10 29.73 -15.77
C SER A 95 -11.92 29.37 -17.24
N LEU A 96 -12.89 28.65 -17.78
CA LEU A 96 -12.81 28.24 -19.18
C LEU A 96 -13.06 29.42 -20.11
N PRO A 97 -12.38 29.44 -21.27
CA PRO A 97 -12.58 30.55 -22.20
C PRO A 97 -13.94 30.47 -22.90
N ILE A 98 -14.46 29.26 -23.06
CA ILE A 98 -15.75 29.05 -23.70
C ILE A 98 -16.58 28.02 -22.93
N ALA A 99 -17.83 28.34 -22.68
CA ALA A 99 -18.72 27.44 -21.94
C ALA A 99 -18.88 26.13 -22.70
N LEU A 100 -18.90 25.01 -21.97
CA LEU A 100 -19.04 23.70 -22.60
C LEU A 100 -20.41 23.09 -22.38
N SER A 101 -20.89 22.34 -23.36
CA SER A 101 -22.19 21.68 -23.25
C SER A 101 -21.86 20.25 -22.83
N LYS A 102 -22.86 19.49 -22.46
CA LYS A 102 -22.63 18.11 -22.00
C LYS A 102 -21.86 17.24 -23.00
N ASN A 103 -20.96 16.43 -22.45
CA ASN A 103 -20.12 15.50 -23.21
C ASN A 103 -19.09 16.11 -24.16
N GLN A 104 -18.94 17.44 -24.09
CA GLN A 104 -17.98 18.15 -24.91
C GLN A 104 -16.66 18.10 -24.17
N GLU A 105 -15.56 18.01 -24.92
CA GLU A 105 -14.24 17.90 -24.31
C GLU A 105 -13.28 19.03 -24.66
N ILE A 106 -12.35 19.32 -23.76
CA ILE A 106 -11.34 20.33 -24.02
C ILE A 106 -10.05 19.90 -23.38
N VAL A 107 -8.94 20.35 -23.94
CA VAL A 107 -7.63 20.03 -23.41
C VAL A 107 -7.11 21.24 -22.67
N ILE A 108 -6.79 21.05 -21.39
CA ILE A 108 -6.27 22.12 -20.55
C ILE A 108 -4.81 21.81 -20.17
N GLU A 109 -3.88 22.56 -20.73
CA GLU A 109 -2.46 22.35 -20.43
C GLU A 109 -2.00 23.26 -19.30
N ILE A 110 -1.46 22.66 -18.24
CA ILE A 110 -0.99 23.40 -17.07
C ILE A 110 0.52 23.27 -16.81
N SER A 111 1.20 24.42 -16.70
CA SER A 111 2.64 24.45 -16.45
C SER A 111 2.83 24.51 -14.92
N PHE A 112 3.52 23.53 -14.36
CA PHE A 112 3.70 23.49 -12.92
C PHE A 112 5.07 23.01 -12.51
N GLU A 113 5.30 22.98 -11.21
CA GLU A 113 6.57 22.55 -10.64
C GLU A 113 6.26 22.04 -9.24
N THR A 114 6.85 20.90 -8.87
CA THR A 114 6.61 20.34 -7.55
C THR A 114 7.52 20.96 -6.50
N SER A 115 7.10 20.87 -5.24
CA SER A 115 7.87 21.39 -4.12
C SER A 115 8.87 20.33 -3.65
N PRO A 116 10.07 20.75 -3.25
CA PRO A 116 11.05 19.75 -2.79
C PRO A 116 10.47 18.91 -1.67
N LYS A 117 9.51 19.48 -0.95
CA LYS A 117 8.88 18.80 0.17
C LYS A 117 7.54 18.15 -0.15
N SER A 118 7.31 17.80 -1.42
CA SER A 118 6.08 17.12 -1.82
C SER A 118 5.90 15.83 -1.01
N SER A 119 4.69 15.61 -0.51
CA SER A 119 4.42 14.43 0.29
C SER A 119 4.31 13.14 -0.52
N ALA A 120 4.36 13.26 -1.84
CA ALA A 120 4.25 12.08 -2.70
C ALA A 120 5.60 11.56 -3.15
N LEU A 121 6.64 12.38 -2.97
CA LEU A 121 7.97 12.01 -3.42
C LEU A 121 9.07 11.90 -2.37
N GLN A 122 10.08 11.09 -2.67
CA GLN A 122 11.24 11.02 -1.81
C GLN A 122 12.45 11.07 -2.72
N TRP A 123 13.32 12.05 -2.47
CA TRP A 123 14.56 12.25 -3.23
C TRP A 123 15.72 11.68 -2.43
N LEU A 124 16.50 10.78 -3.01
CA LEU A 124 17.63 10.21 -2.29
C LEU A 124 18.94 10.68 -2.87
N THR A 125 19.86 11.05 -1.99
CA THR A 125 21.19 11.48 -2.41
C THR A 125 21.95 10.19 -2.73
N PRO A 126 23.10 10.30 -3.42
CA PRO A 126 23.88 9.10 -3.77
C PRO A 126 24.21 8.16 -2.60
N GLU A 127 24.52 8.73 -1.44
CA GLU A 127 24.85 7.94 -0.26
C GLU A 127 23.69 7.11 0.28
N GLN A 128 22.45 7.49 -0.03
CA GLN A 128 21.28 6.76 0.45
C GLN A 128 20.90 5.57 -0.44
N THR A 129 21.67 5.35 -1.49
CA THR A 129 21.41 4.23 -2.39
C THR A 129 22.48 3.15 -2.25
N SER A 130 22.31 2.07 -2.99
CA SER A 130 23.27 0.97 -2.96
C SER A 130 24.51 1.25 -3.82
N GLY A 131 24.32 1.92 -4.95
CA GLY A 131 25.43 2.23 -5.85
C GLY A 131 26.36 3.31 -5.34
N LYS A 132 25.79 4.26 -4.60
CA LYS A 132 26.53 5.38 -4.01
C LYS A 132 27.01 6.41 -5.02
N GLU A 133 26.76 6.16 -6.31
CA GLU A 133 27.21 7.09 -7.35
C GLU A 133 26.11 7.95 -7.96
N HIS A 134 24.86 7.55 -7.79
CA HIS A 134 23.75 8.30 -8.38
C HIS A 134 22.57 8.59 -7.46
N PRO A 135 21.80 9.65 -7.77
CA PRO A 135 20.65 9.97 -6.94
C PRO A 135 19.52 9.03 -7.32
N TYR A 136 18.38 9.16 -6.66
CA TYR A 136 17.25 8.27 -6.94
C TYR A 136 15.98 8.97 -6.51
N LEU A 137 14.93 8.80 -7.29
CA LEU A 137 13.65 9.41 -6.95
C LEU A 137 12.56 8.37 -7.13
N PHE A 138 11.55 8.38 -6.26
CA PHE A 138 10.42 7.47 -6.40
C PHE A 138 9.17 8.13 -5.79
N SER A 139 8.00 7.80 -6.33
CA SER A 139 6.75 8.38 -5.84
C SER A 139 5.81 7.37 -5.19
N GLN A 140 4.83 7.89 -4.45
CA GLN A 140 3.81 7.08 -3.78
C GLN A 140 2.55 7.94 -3.66
N CYS A 141 1.59 7.72 -4.56
CA CYS A 141 0.38 8.54 -4.54
C CYS A 141 -0.76 8.10 -3.62
N GLN A 142 -0.86 6.82 -3.31
CA GLN A 142 -1.95 6.36 -2.44
C GLN A 142 -1.74 6.86 -1.02
N ALA A 143 -2.80 7.42 -0.40
CA ALA A 143 -4.12 7.53 -1.02
C ALA A 143 -4.39 8.80 -1.83
N ILE A 144 -4.00 9.96 -1.29
CA ILE A 144 -4.25 11.21 -1.99
C ILE A 144 -3.04 12.13 -2.16
N HIS A 145 -1.92 11.59 -2.63
CA HIS A 145 -0.74 12.42 -2.78
C HIS A 145 -0.50 12.78 -4.23
N CYS A 146 -1.40 12.35 -5.09
CA CYS A 146 -1.26 12.68 -6.49
C CYS A 146 -1.37 14.21 -6.63
N ARG A 147 -2.25 14.83 -5.87
CA ARG A 147 -2.40 16.29 -5.93
C ARG A 147 -1.09 17.00 -5.60
N ALA A 148 -0.14 16.25 -5.06
CA ALA A 148 1.16 16.81 -4.69
C ALA A 148 2.19 16.66 -5.81
N ILE A 149 1.81 15.96 -6.86
CA ILE A 149 2.69 15.74 -8.00
C ILE A 149 2.21 16.58 -9.18
N LEU A 150 0.89 16.65 -9.37
CA LEU A 150 0.33 17.42 -10.48
C LEU A 150 -1.14 17.78 -10.26
N PRO A 151 -1.60 18.89 -10.87
CA PRO A 151 -3.01 19.32 -10.73
C PRO A 151 -3.92 18.23 -11.30
N CYS A 152 -5.00 17.91 -10.59
CA CYS A 152 -5.89 16.85 -11.06
C CYS A 152 -7.12 16.68 -10.16
N GLN A 153 -8.05 15.84 -10.60
CA GLN A 153 -9.24 15.53 -9.82
C GLN A 153 -8.79 14.34 -8.99
N ASP A 154 -8.15 14.61 -7.85
CA ASP A 154 -7.62 13.55 -6.99
C ASP A 154 -8.68 12.78 -6.22
N THR A 155 -9.44 11.96 -6.94
CA THR A 155 -10.49 11.14 -6.36
C THR A 155 -10.51 9.83 -7.13
N PRO A 156 -10.68 8.70 -6.43
CA PRO A 156 -10.71 7.42 -7.15
C PRO A 156 -12.04 7.18 -7.87
N SER A 157 -12.87 8.21 -7.94
CA SER A 157 -14.15 8.08 -8.61
C SER A 157 -14.00 8.43 -10.09
N VAL A 158 -12.78 8.80 -10.47
CA VAL A 158 -12.49 9.17 -11.85
C VAL A 158 -11.32 8.36 -12.37
N LYS A 159 -11.52 7.70 -13.50
CA LYS A 159 -10.47 6.88 -14.11
C LYS A 159 -10.07 7.43 -15.45
N LEU A 160 -8.76 7.39 -15.74
CA LEU A 160 -8.27 7.93 -16.99
C LEU A 160 -7.10 7.16 -17.59
N THR A 161 -6.77 7.54 -18.81
CA THR A 161 -5.63 6.93 -19.49
C THR A 161 -4.59 8.05 -19.52
N TYR A 162 -3.34 7.69 -19.79
CA TYR A 162 -2.30 8.69 -19.84
C TYR A 162 -1.10 8.29 -20.67
N THR A 163 -0.32 9.29 -21.06
CA THR A 163 0.91 9.08 -21.81
C THR A 163 1.88 10.04 -21.15
N ALA A 164 3.17 9.78 -21.30
CA ALA A 164 4.13 10.65 -20.65
C ALA A 164 5.52 10.63 -21.25
N GLU A 165 6.22 11.73 -21.09
CA GLU A 165 7.57 11.89 -21.59
C GLU A 165 8.32 12.47 -20.40
N VAL A 166 9.30 11.74 -19.90
CA VAL A 166 10.07 12.17 -18.75
C VAL A 166 11.52 12.41 -19.16
N SER A 167 12.05 13.59 -18.89
CA SER A 167 13.43 13.86 -19.24
C SER A 167 14.27 13.66 -18.00
N VAL A 168 15.32 12.84 -18.11
CA VAL A 168 16.19 12.54 -16.98
C VAL A 168 17.66 12.48 -17.38
N PRO A 169 18.58 12.60 -16.42
CA PRO A 169 20.02 12.53 -16.75
C PRO A 169 20.21 11.21 -17.51
N LYS A 170 21.00 11.24 -18.58
CA LYS A 170 21.20 10.03 -19.40
C LYS A 170 21.76 8.77 -18.74
N GLU A 171 22.46 8.90 -17.63
CA GLU A 171 23.01 7.73 -16.94
C GLU A 171 21.90 6.93 -16.27
N LEU A 172 20.90 7.65 -15.76
CA LEU A 172 19.76 7.04 -15.07
C LEU A 172 18.67 6.50 -16.00
N VAL A 173 17.72 5.78 -15.41
CA VAL A 173 16.60 5.20 -16.15
C VAL A 173 15.30 5.60 -15.48
N ALA A 174 14.25 5.80 -16.26
CA ALA A 174 12.96 6.17 -15.70
C ALA A 174 11.97 5.05 -15.95
N LEU A 175 11.04 4.85 -15.01
CA LEU A 175 10.01 3.83 -15.11
C LEU A 175 8.69 4.34 -14.56
N MET A 176 7.58 3.96 -15.21
CA MET A 176 6.25 4.38 -14.74
C MET A 176 5.24 3.24 -14.75
N SER A 177 4.07 3.50 -14.16
CA SER A 177 2.99 2.52 -14.10
C SER A 177 2.29 2.45 -15.44
N ALA A 178 3.05 2.05 -16.44
CA ALA A 178 2.57 1.95 -17.82
C ALA A 178 3.53 1.09 -18.65
N ILE A 179 3.22 0.98 -19.93
CA ILE A 179 4.04 0.21 -20.87
C ILE A 179 5.13 1.14 -21.38
N ARG A 180 6.36 0.63 -21.47
CA ARG A 180 7.50 1.40 -21.95
C ARG A 180 7.32 1.68 -23.42
N ASP A 181 7.58 2.91 -23.82
CA ASP A 181 7.40 3.27 -25.19
C ASP A 181 8.65 3.83 -25.87
N GLY A 182 9.82 3.33 -25.47
CA GLY A 182 11.05 3.79 -26.08
C GLY A 182 11.72 4.93 -25.34
N GLU A 183 12.90 5.32 -25.83
CA GLU A 183 13.68 6.40 -25.23
C GLU A 183 14.54 7.07 -26.30
N THR A 184 14.79 8.37 -26.16
CA THR A 184 15.62 9.10 -27.12
C THR A 184 16.35 10.23 -26.41
N PRO A 185 17.36 10.81 -27.08
CA PRO A 185 18.10 11.91 -26.46
C PRO A 185 17.24 13.16 -26.33
N ASP A 186 17.43 13.93 -25.27
CA ASP A 186 16.67 15.16 -25.07
C ASP A 186 17.19 16.27 -25.99
N PRO A 187 16.35 16.72 -26.94
CA PRO A 187 16.70 17.78 -27.89
C PRO A 187 17.23 19.04 -27.22
N GLU A 188 16.52 19.52 -26.20
CA GLU A 188 16.91 20.74 -25.47
C GLU A 188 17.98 20.53 -24.39
N ASP A 189 18.70 19.40 -24.44
CA ASP A 189 19.74 19.12 -23.46
C ASP A 189 20.33 17.72 -23.72
N PRO A 190 21.54 17.67 -24.28
CA PRO A 190 22.32 16.46 -24.62
C PRO A 190 22.79 15.57 -23.47
N SER A 191 22.65 16.05 -22.23
CA SER A 191 23.07 15.26 -21.07
C SER A 191 21.86 14.54 -20.48
N ARG A 192 20.77 14.48 -21.25
CA ARG A 192 19.53 13.86 -20.80
C ARG A 192 18.92 12.93 -21.85
N LYS A 193 18.01 12.08 -21.40
CA LYS A 193 17.29 11.15 -22.27
C LYS A 193 15.81 11.35 -21.99
N ILE A 194 14.99 11.05 -22.98
CA ILE A 194 13.56 11.15 -22.83
C ILE A 194 12.97 9.74 -22.87
N TYR A 195 12.26 9.37 -21.82
CA TYR A 195 11.63 8.05 -21.75
C TYR A 195 10.14 8.27 -21.96
N LYS A 196 9.53 7.50 -22.86
CA LYS A 196 8.11 7.64 -23.17
C LYS A 196 7.30 6.44 -22.66
N PHE A 197 6.07 6.70 -22.22
CA PHE A 197 5.21 5.65 -21.66
C PHE A 197 3.76 5.80 -22.08
N ILE A 198 3.02 4.70 -22.07
CA ILE A 198 1.61 4.74 -22.45
C ILE A 198 0.81 3.80 -21.56
N GLN A 199 -0.28 4.29 -21.00
CA GLN A 199 -1.16 3.47 -20.18
C GLN A 199 -2.54 3.58 -20.82
N LYS A 200 -2.93 2.56 -21.59
CA LYS A 200 -4.19 2.51 -22.31
C LYS A 200 -5.40 2.06 -21.49
N VAL A 201 -5.15 1.46 -20.34
CA VAL A 201 -6.24 1.01 -19.49
C VAL A 201 -6.63 2.15 -18.55
N PRO A 202 -7.91 2.54 -18.54
CA PRO A 202 -8.34 3.62 -17.65
C PRO A 202 -7.97 3.24 -16.21
N ILE A 203 -7.44 4.19 -15.45
CA ILE A 203 -7.05 3.94 -14.08
C ILE A 203 -7.22 5.18 -13.21
N PRO A 204 -7.54 5.00 -11.92
CA PRO A 204 -7.69 6.14 -11.02
C PRO A 204 -6.30 6.78 -10.92
N CYS A 205 -6.22 8.08 -10.62
CA CYS A 205 -4.94 8.77 -10.56
C CYS A 205 -3.99 8.42 -9.41
N TYR A 206 -4.47 7.74 -8.37
CA TYR A 206 -3.58 7.39 -7.27
C TYR A 206 -2.66 6.23 -7.71
N LEU A 207 -2.95 5.64 -8.87
CA LEU A 207 -2.15 4.54 -9.41
C LEU A 207 -1.03 5.03 -10.35
N ILE A 208 -0.87 6.35 -10.50
CA ILE A 208 0.19 6.88 -11.34
C ILE A 208 1.48 6.80 -10.52
N ALA A 209 2.55 6.29 -11.14
CA ALA A 209 3.79 6.17 -10.41
C ALA A 209 5.00 6.48 -11.26
N LEU A 210 6.08 6.88 -10.59
CA LEU A 210 7.32 7.23 -11.26
C LEU A 210 8.53 6.93 -10.37
N VAL A 211 9.58 6.41 -10.98
CA VAL A 211 10.83 6.11 -10.29
C VAL A 211 11.96 6.38 -11.30
N VAL A 212 13.02 7.06 -10.85
CA VAL A 212 14.17 7.36 -11.69
C VAL A 212 15.42 7.03 -10.91
N GLY A 213 16.26 6.14 -11.43
CA GLY A 213 17.47 5.78 -10.72
C GLY A 213 18.36 4.93 -11.61
N ALA A 214 19.45 4.43 -11.05
CA ALA A 214 20.39 3.59 -11.80
C ALA A 214 19.87 2.16 -11.74
N LEU A 215 18.93 1.84 -12.63
CA LEU A 215 18.28 0.54 -12.63
C LEU A 215 18.72 -0.48 -13.67
N GLU A 216 18.71 -1.74 -13.25
CA GLU A 216 19.05 -2.87 -14.10
C GLU A 216 17.87 -3.82 -14.04
N SER A 217 17.67 -4.57 -15.11
CA SER A 217 16.57 -5.51 -15.18
C SER A 217 17.07 -6.91 -15.51
N ARG A 218 16.28 -7.90 -15.11
CA ARG A 218 16.59 -9.28 -15.39
C ARG A 218 15.26 -10.00 -15.61
N GLN A 219 15.20 -10.82 -16.64
CA GLN A 219 13.96 -11.53 -16.92
C GLN A 219 13.74 -12.75 -16.04
N ILE A 220 12.57 -12.82 -15.40
CA ILE A 220 12.23 -13.94 -14.55
C ILE A 220 10.99 -14.70 -15.04
N GLY A 221 10.33 -14.18 -16.07
CA GLY A 221 9.15 -14.86 -16.60
C GLY A 221 8.68 -14.32 -17.94
N PRO A 222 7.87 -15.08 -18.69
CA PRO A 222 7.34 -14.68 -20.01
C PRO A 222 6.87 -13.23 -20.14
N ARG A 223 6.32 -12.69 -19.07
CA ARG A 223 5.84 -11.31 -19.10
C ARG A 223 6.29 -10.58 -17.85
N THR A 224 7.31 -11.10 -17.19
CA THR A 224 7.77 -10.46 -15.97
C THR A 224 9.26 -10.13 -15.94
N LEU A 225 9.55 -8.87 -15.66
CA LEU A 225 10.92 -8.38 -15.55
C LEU A 225 11.09 -7.87 -14.13
N VAL A 226 12.25 -8.10 -13.51
CA VAL A 226 12.47 -7.59 -12.17
C VAL A 226 13.52 -6.47 -12.27
N TRP A 227 13.23 -5.31 -11.71
CA TRP A 227 14.17 -4.19 -11.76
C TRP A 227 14.74 -3.83 -10.39
N SER A 228 15.96 -3.30 -10.36
CA SER A 228 16.61 -2.85 -9.11
C SER A 228 18.05 -2.39 -9.38
N GLU A 229 18.72 -1.92 -8.34
CA GLU A 229 20.12 -1.51 -8.50
C GLU A 229 20.92 -2.79 -8.71
N LYS A 230 22.03 -2.68 -9.43
CA LYS A 230 22.86 -3.85 -9.72
C LYS A 230 23.08 -4.78 -8.53
N GLU A 231 23.26 -4.19 -7.34
CA GLU A 231 23.52 -4.98 -6.13
C GLU A 231 22.42 -5.96 -5.75
N GLN A 232 21.16 -5.60 -6.02
CA GLN A 232 20.03 -6.45 -5.64
C GLN A 232 19.42 -7.35 -6.71
N VAL A 233 19.89 -7.23 -7.94
CA VAL A 233 19.33 -8.03 -9.03
C VAL A 233 19.26 -9.54 -8.78
N GLU A 234 20.41 -10.16 -8.55
CA GLU A 234 20.48 -11.60 -8.34
C GLU A 234 19.55 -12.12 -7.23
N LYS A 235 19.60 -11.47 -6.08
CA LYS A 235 18.78 -11.88 -4.95
C LYS A 235 17.29 -11.71 -5.25
N SER A 236 16.95 -10.63 -5.95
CA SER A 236 15.56 -10.35 -6.30
C SER A 236 14.98 -11.34 -7.32
N ALA A 237 15.79 -11.77 -8.27
CA ALA A 237 15.32 -12.71 -9.32
C ALA A 237 14.95 -14.08 -8.77
N TYR A 238 15.63 -14.46 -7.70
CA TYR A 238 15.39 -15.74 -7.05
C TYR A 238 14.22 -15.57 -6.10
N GLU A 239 14.27 -14.51 -5.30
CA GLU A 239 13.23 -14.25 -4.31
C GLU A 239 11.82 -14.25 -4.89
N PHE A 240 11.66 -13.64 -6.06
CA PHE A 240 10.36 -13.54 -6.70
C PHE A 240 10.14 -14.49 -7.85
N SER A 241 10.73 -15.68 -7.79
CA SER A 241 10.61 -16.61 -8.89
C SER A 241 9.28 -17.35 -9.00
N GLU A 242 8.44 -17.27 -7.98
CA GLU A 242 7.13 -17.94 -7.99
C GLU A 242 6.08 -17.04 -8.66
N THR A 243 6.48 -15.82 -9.03
CA THR A 243 5.58 -14.86 -9.65
C THR A 243 4.73 -15.30 -10.86
N GLU A 244 5.33 -15.97 -11.84
CA GLU A 244 4.55 -16.40 -12.99
C GLU A 244 3.50 -17.46 -12.65
N SER A 245 3.79 -18.30 -11.67
CA SER A 245 2.84 -19.33 -11.29
C SER A 245 1.73 -18.68 -10.49
N MET A 246 2.05 -17.59 -9.80
CA MET A 246 1.03 -16.89 -9.04
C MET A 246 0.09 -16.22 -10.03
N LEU A 247 0.65 -15.63 -11.09
CA LEU A 247 -0.13 -14.96 -12.14
C LEU A 247 -1.10 -15.89 -12.85
N LYS A 248 -0.64 -17.09 -13.17
CA LYS A 248 -1.50 -18.06 -13.85
C LYS A 248 -2.72 -18.39 -12.97
N ILE A 249 -2.46 -18.69 -11.70
CA ILE A 249 -3.52 -19.02 -10.76
C ILE A 249 -4.51 -17.85 -10.61
N ALA A 250 -4.00 -16.63 -10.49
CA ALA A 250 -4.89 -15.47 -10.35
C ALA A 250 -5.75 -15.32 -11.61
N GLU A 251 -5.15 -15.54 -12.79
CA GLU A 251 -5.92 -15.41 -14.02
C GLU A 251 -7.10 -16.39 -13.95
N ASP A 252 -6.80 -17.62 -13.56
CA ASP A 252 -7.82 -18.64 -13.45
C ASP A 252 -8.89 -18.26 -12.42
N LEU A 253 -8.50 -17.43 -11.46
CA LEU A 253 -9.43 -17.01 -10.42
C LEU A 253 -10.30 -15.80 -10.78
N GLY A 254 -9.72 -14.80 -11.44
CA GLY A 254 -10.49 -13.61 -11.77
C GLY A 254 -10.65 -13.31 -13.25
N GLY A 255 -10.05 -14.14 -14.10
CA GLY A 255 -10.15 -13.92 -15.54
C GLY A 255 -8.85 -13.39 -16.15
N PRO A 256 -8.87 -13.06 -17.45
CA PRO A 256 -7.69 -12.55 -18.15
C PRO A 256 -7.00 -11.34 -17.48
N TYR A 257 -5.68 -11.33 -17.58
CA TYR A 257 -4.89 -10.25 -17.03
C TYR A 257 -4.96 -9.24 -18.18
N VAL A 258 -5.42 -8.02 -17.91
CA VAL A 258 -5.58 -7.05 -18.98
C VAL A 258 -4.48 -5.98 -19.09
N TRP A 259 -3.51 -6.03 -18.18
CA TRP A 259 -2.47 -5.01 -18.19
C TRP A 259 -1.26 -5.21 -19.11
N GLY A 260 -1.18 -6.37 -19.74
CA GLY A 260 -0.08 -6.62 -20.65
C GLY A 260 1.17 -7.14 -19.96
N GLN A 261 1.89 -6.22 -19.31
CA GLN A 261 3.11 -6.57 -18.62
C GLN A 261 2.94 -6.58 -17.10
N TYR A 262 3.66 -7.48 -16.43
CA TYR A 262 3.64 -7.48 -14.98
C TYR A 262 5.08 -7.40 -14.48
N ASP A 263 5.54 -6.18 -14.19
CA ASP A 263 6.90 -5.98 -13.72
C ASP A 263 6.97 -5.81 -12.21
N LEU A 264 8.17 -6.01 -11.67
CA LEU A 264 8.42 -5.89 -10.24
C LEU A 264 9.65 -5.01 -10.06
N LEU A 265 9.52 -3.99 -9.23
CA LEU A 265 10.63 -3.10 -8.97
C LEU A 265 10.97 -3.16 -7.49
N VAL A 266 12.23 -3.42 -7.16
CA VAL A 266 12.63 -3.48 -5.75
C VAL A 266 13.21 -2.12 -5.41
N LEU A 267 12.56 -1.41 -4.51
CA LEU A 267 12.95 -0.07 -4.12
C LEU A 267 13.96 0.04 -2.97
N PRO A 268 14.37 1.28 -2.64
CA PRO A 268 15.32 1.54 -1.56
C PRO A 268 14.68 1.18 -0.21
N PRO A 269 15.51 0.86 0.80
CA PRO A 269 15.03 0.49 2.13
C PRO A 269 13.97 1.41 2.71
N SER A 270 13.93 2.65 2.25
CA SER A 270 12.98 3.63 2.78
C SER A 270 11.53 3.60 2.27
N PHE A 271 11.20 2.68 1.37
CA PHE A 271 9.84 2.62 0.89
C PHE A 271 8.95 2.34 2.11
N PRO A 272 7.93 3.17 2.34
CA PRO A 272 7.04 3.00 3.49
C PRO A 272 6.18 1.75 3.60
N TYR A 273 5.84 1.10 2.50
CA TYR A 273 5.00 -0.10 2.60
C TYR A 273 5.65 -1.39 2.09
N GLY A 274 4.95 -2.51 2.25
CA GLY A 274 5.46 -3.78 1.77
C GLY A 274 5.40 -3.87 0.25
N GLY A 275 4.31 -3.37 -0.33
CA GLY A 275 4.16 -3.42 -1.77
C GLY A 275 3.07 -2.48 -2.23
N MET A 276 3.21 -1.92 -3.44
CA MET A 276 2.21 -1.03 -3.99
C MET A 276 1.83 -1.57 -5.36
N GLU A 277 0.54 -1.83 -5.56
CA GLU A 277 0.05 -2.41 -6.80
C GLU A 277 -0.06 -1.51 -8.04
N ASN A 278 0.98 -0.73 -8.33
CA ASN A 278 0.95 0.14 -9.50
C ASN A 278 0.87 -0.69 -10.77
N PRO A 279 -0.17 -0.45 -11.61
CA PRO A 279 -0.32 -1.21 -12.85
C PRO A 279 0.96 -1.30 -13.69
N CYS A 280 1.26 -2.50 -14.16
CA CYS A 280 2.43 -2.77 -14.97
C CYS A 280 3.74 -2.74 -14.20
N LEU A 281 3.75 -2.09 -13.04
CA LEU A 281 4.99 -2.00 -12.26
C LEU A 281 4.78 -2.00 -10.75
N THR A 282 4.67 -3.18 -10.16
CA THR A 282 4.51 -3.31 -8.72
C THR A 282 5.80 -2.88 -8.02
N PHE A 283 5.67 -2.17 -6.91
CA PHE A 283 6.80 -1.68 -6.12
C PHE A 283 6.89 -2.56 -4.87
N VAL A 284 8.06 -3.09 -4.57
CA VAL A 284 8.22 -3.94 -3.39
C VAL A 284 9.37 -3.48 -2.49
N THR A 285 9.18 -3.66 -1.19
CA THR A 285 10.20 -3.28 -0.22
C THR A 285 11.31 -4.31 -0.26
N PRO A 286 12.56 -3.85 -0.10
CA PRO A 286 13.69 -4.79 -0.13
C PRO A 286 13.78 -5.67 1.12
N THR A 287 12.90 -5.44 2.10
CA THR A 287 12.91 -6.23 3.33
C THR A 287 12.23 -7.57 3.09
N LEU A 288 11.79 -7.79 1.86
CA LEU A 288 11.15 -9.04 1.46
C LEU A 288 12.20 -10.07 1.04
N LEU A 289 13.44 -9.60 0.89
CA LEU A 289 14.54 -10.47 0.47
C LEU A 289 15.03 -11.32 1.64
N ALA A 290 14.16 -12.22 2.08
CA ALA A 290 14.45 -13.13 3.19
C ALA A 290 15.47 -14.19 2.78
N GLY A 291 15.54 -14.48 1.50
CA GLY A 291 16.49 -15.48 1.02
C GLY A 291 15.88 -16.84 0.77
N ASP A 292 14.65 -17.05 1.23
CA ASP A 292 13.97 -18.34 1.07
C ASP A 292 12.60 -18.25 0.40
N LYS A 293 12.22 -17.08 -0.07
CA LYS A 293 10.93 -16.88 -0.74
C LYS A 293 9.74 -17.00 0.24
N SER A 294 10.01 -16.87 1.53
CA SER A 294 8.96 -16.99 2.54
C SER A 294 8.04 -15.77 2.71
N LEU A 295 8.39 -14.65 2.08
CA LEU A 295 7.58 -13.43 2.18
C LEU A 295 6.90 -13.10 0.86
N SER A 296 6.81 -14.07 -0.03
CA SER A 296 6.21 -13.87 -1.34
C SER A 296 4.69 -13.63 -1.38
N ASN A 297 4.02 -13.72 -0.25
CA ASN A 297 2.57 -13.49 -0.21
C ASN A 297 2.29 -12.02 -0.40
N VAL A 298 3.35 -11.22 -0.38
CA VAL A 298 3.22 -9.79 -0.58
C VAL A 298 3.06 -9.53 -2.09
N ILE A 299 3.64 -10.42 -2.89
CA ILE A 299 3.53 -10.31 -4.33
C ILE A 299 2.14 -10.81 -4.74
N ALA A 300 1.68 -11.89 -4.09
CA ALA A 300 0.37 -12.45 -4.38
C ALA A 300 -0.69 -11.38 -4.11
N HIS A 301 -0.45 -10.59 -3.09
CA HIS A 301 -1.34 -9.52 -2.74
C HIS A 301 -1.36 -8.49 -3.86
N GLN A 302 -0.18 -8.03 -4.27
CA GLN A 302 -0.10 -7.04 -5.32
C GLN A 302 -0.72 -7.59 -6.60
N ILE A 303 -0.38 -8.83 -6.94
CA ILE A 303 -0.94 -9.45 -8.13
C ILE A 303 -2.47 -9.44 -8.11
N SER A 304 -3.07 -9.80 -6.97
CA SER A 304 -4.54 -9.81 -6.83
C SER A 304 -5.20 -8.49 -7.20
N HIS A 305 -4.56 -7.37 -6.84
CA HIS A 305 -5.06 -6.02 -7.16
C HIS A 305 -5.23 -5.75 -8.66
N SER A 306 -4.55 -6.51 -9.50
CA SER A 306 -4.67 -6.31 -10.94
C SER A 306 -6.13 -6.55 -11.31
N TRP A 307 -6.90 -7.05 -10.34
CA TRP A 307 -8.32 -7.31 -10.51
C TRP A 307 -9.07 -6.48 -9.48
N THR A 308 -9.01 -6.90 -8.23
CA THR A 308 -9.69 -6.18 -7.18
C THR A 308 -8.84 -4.99 -6.77
N GLY A 309 -9.28 -3.81 -7.17
CA GLY A 309 -8.55 -2.61 -6.85
C GLY A 309 -8.27 -1.78 -8.09
N ASN A 310 -7.59 -2.37 -9.06
CA ASN A 310 -7.24 -1.66 -10.29
C ASN A 310 -8.31 -1.75 -11.36
N LEU A 311 -9.08 -2.83 -11.37
CA LEU A 311 -10.16 -2.97 -12.35
C LEU A 311 -11.44 -2.43 -11.74
N VAL A 312 -11.74 -2.91 -10.54
CA VAL A 312 -12.91 -2.48 -9.77
C VAL A 312 -12.29 -1.63 -8.67
N THR A 313 -12.77 -0.41 -8.51
CA THR A 313 -12.19 0.52 -7.55
C THR A 313 -13.21 1.11 -6.58
N ASN A 314 -12.75 1.54 -5.42
CA ASN A 314 -13.62 2.16 -4.44
C ASN A 314 -13.90 3.60 -4.88
N LYS A 315 -15.16 4.03 -4.77
CA LYS A 315 -15.56 5.37 -5.19
C LYS A 315 -14.95 6.50 -4.36
N THR A 316 -14.86 6.30 -3.05
CA THR A 316 -14.25 7.30 -2.18
C THR A 316 -13.46 6.48 -1.20
N TRP A 317 -12.66 7.13 -0.38
CA TRP A 317 -11.84 6.39 0.55
C TRP A 317 -12.58 5.82 1.75
N ASP A 318 -13.86 6.15 1.86
CA ASP A 318 -14.67 5.62 2.94
C ASP A 318 -14.92 4.13 2.69
N HIS A 319 -14.75 3.72 1.44
CA HIS A 319 -14.96 2.33 1.04
C HIS A 319 -13.69 1.56 0.69
N PHE A 320 -12.57 2.02 1.27
CA PHE A 320 -11.26 1.42 1.10
C PHE A 320 -11.28 -0.09 1.33
N TRP A 321 -12.16 -0.56 2.21
CA TRP A 321 -12.23 -2.00 2.49
C TRP A 321 -12.59 -2.81 1.26
N LEU A 322 -13.34 -2.22 0.33
CA LEU A 322 -13.71 -2.96 -0.88
C LEU A 322 -12.46 -3.36 -1.64
N ASN A 323 -11.48 -2.47 -1.66
CA ASN A 323 -10.21 -2.75 -2.35
C ASN A 323 -9.42 -3.84 -1.61
N GLU A 324 -9.02 -3.53 -0.39
CA GLU A 324 -8.19 -4.44 0.41
C GLU A 324 -8.80 -5.73 0.90
N GLY A 325 -10.08 -5.71 1.22
CA GLY A 325 -10.72 -6.93 1.69
C GLY A 325 -10.75 -8.04 0.67
N HIS A 326 -11.22 -7.76 -0.55
CA HIS A 326 -11.26 -8.79 -1.59
C HIS A 326 -9.88 -9.26 -1.98
N THR A 327 -8.96 -8.31 -2.11
CA THR A 327 -7.58 -8.60 -2.48
C THR A 327 -6.88 -9.56 -1.50
N VAL A 328 -7.13 -9.38 -0.22
CA VAL A 328 -6.55 -10.28 0.78
C VAL A 328 -7.22 -11.64 0.66
N TYR A 329 -8.51 -11.61 0.34
CA TYR A 329 -9.26 -12.85 0.20
C TYR A 329 -8.73 -13.65 -0.98
N LEU A 330 -8.48 -12.97 -2.10
CA LEU A 330 -7.94 -13.63 -3.30
C LEU A 330 -6.51 -14.06 -3.02
N GLU A 331 -5.73 -13.14 -2.43
CA GLU A 331 -4.34 -13.41 -2.06
C GLU A 331 -4.25 -14.76 -1.36
N ARG A 332 -5.11 -14.96 -0.36
CA ARG A 332 -5.09 -16.21 0.39
C ARG A 332 -5.56 -17.43 -0.41
N HIS A 333 -6.32 -17.22 -1.48
CA HIS A 333 -6.72 -18.35 -2.31
C HIS A 333 -5.55 -18.76 -3.21
N ILE A 334 -4.71 -17.78 -3.55
CA ILE A 334 -3.55 -18.09 -4.36
C ILE A 334 -2.60 -18.91 -3.47
N CYS A 335 -2.47 -18.51 -2.20
CA CYS A 335 -1.63 -19.24 -1.24
C CYS A 335 -2.21 -20.61 -0.97
N GLY A 336 -3.54 -20.72 -1.04
CA GLY A 336 -4.19 -22.00 -0.81
C GLY A 336 -3.84 -22.98 -1.92
N ARG A 337 -3.90 -22.51 -3.16
CA ARG A 337 -3.60 -23.37 -4.31
C ARG A 337 -2.14 -23.77 -4.40
N LEU A 338 -1.24 -22.91 -3.92
CA LEU A 338 0.18 -23.23 -3.96
C LEU A 338 0.64 -24.05 -2.78
N PHE A 339 0.07 -23.81 -1.60
CA PHE A 339 0.52 -24.52 -0.40
C PHE A 339 -0.45 -25.38 0.41
N GLY A 340 -1.69 -25.49 -0.05
CA GLY A 340 -2.66 -26.31 0.66
C GLY A 340 -3.70 -25.49 1.37
N GLU A 341 -4.90 -26.06 1.52
CA GLU A 341 -5.98 -25.37 2.20
C GLU A 341 -5.67 -25.10 3.68
N LYS A 342 -4.93 -25.99 4.33
CA LYS A 342 -4.59 -25.78 5.74
C LYS A 342 -3.71 -24.55 5.92
N PHE A 343 -2.97 -24.19 4.88
CA PHE A 343 -2.12 -23.02 4.96
C PHE A 343 -3.03 -21.80 4.88
N ARG A 344 -4.04 -21.84 4.00
CA ARG A 344 -4.97 -20.71 3.89
C ARG A 344 -5.64 -20.44 5.24
N HIS A 345 -6.04 -21.49 5.94
CA HIS A 345 -6.67 -21.33 7.24
C HIS A 345 -5.69 -20.83 8.29
N PHE A 346 -4.44 -21.24 8.15
CA PHE A 346 -3.41 -20.80 9.09
C PHE A 346 -3.27 -19.28 8.95
N ASN A 347 -3.12 -18.82 7.71
CA ASN A 347 -3.00 -17.39 7.41
C ASN A 347 -4.26 -16.61 7.76
N ALA A 348 -5.42 -17.20 7.52
CA ALA A 348 -6.68 -16.54 7.84
C ALA A 348 -6.81 -16.34 9.34
N LEU A 349 -6.36 -17.33 10.12
CA LEU A 349 -6.45 -17.22 11.57
C LEU A 349 -5.44 -16.22 12.11
N GLY A 350 -4.33 -16.04 11.41
CA GLY A 350 -3.36 -15.06 11.84
C GLY A 350 -3.95 -13.68 11.59
N GLY A 351 -4.75 -13.60 10.54
CA GLY A 351 -5.40 -12.34 10.21
C GLY A 351 -6.38 -11.92 11.27
N TRP A 352 -7.02 -12.89 11.91
CA TRP A 352 -7.98 -12.59 12.98
C TRP A 352 -7.23 -12.05 14.19
N GLY A 353 -6.03 -12.60 14.42
CA GLY A 353 -5.22 -12.16 15.53
C GLY A 353 -4.77 -10.74 15.26
N GLU A 354 -4.50 -10.41 14.00
CA GLU A 354 -4.06 -9.07 13.65
C GLU A 354 -5.20 -8.06 13.82
N LEU A 355 -6.43 -8.56 13.74
CA LEU A 355 -7.61 -7.71 13.94
C LEU A 355 -7.77 -7.44 15.43
N GLN A 356 -7.52 -8.46 16.24
CA GLN A 356 -7.61 -8.34 17.70
C GLN A 356 -6.63 -7.30 18.22
N ASN A 357 -5.39 -7.39 17.74
CA ASN A 357 -4.35 -6.45 18.15
C ASN A 357 -4.75 -5.03 17.80
N SER A 358 -5.09 -4.80 16.54
CA SER A 358 -5.46 -3.46 16.08
C SER A 358 -6.67 -2.91 16.83
N VAL A 359 -7.65 -3.75 17.14
CA VAL A 359 -8.82 -3.27 17.88
C VAL A 359 -8.43 -2.95 19.31
N LYS A 360 -7.40 -3.63 19.81
CA LYS A 360 -6.95 -3.40 21.17
C LYS A 360 -6.23 -2.06 21.26
N THR A 361 -5.42 -1.76 20.24
CA THR A 361 -4.65 -0.53 20.17
C THR A 361 -5.47 0.75 19.95
N PHE A 362 -6.58 0.64 19.23
CA PHE A 362 -7.41 1.81 18.97
C PHE A 362 -8.49 2.04 20.03
N GLY A 363 -8.98 0.95 20.62
CA GLY A 363 -10.05 1.05 21.60
C GLY A 363 -11.25 0.45 20.90
N GLU A 364 -11.99 -0.42 21.58
CA GLU A 364 -13.13 -1.09 20.96
C GLU A 364 -14.28 -0.20 20.49
N THR A 365 -14.22 1.08 20.76
CA THR A 365 -15.29 1.96 20.33
C THR A 365 -14.75 3.05 19.42
N HIS A 366 -13.48 2.92 19.06
CA HIS A 366 -12.82 3.90 18.20
C HIS A 366 -13.42 3.85 16.80
N PRO A 367 -13.69 5.03 16.21
CA PRO A 367 -14.26 5.12 14.86
C PRO A 367 -13.42 4.41 13.79
N PHE A 368 -12.10 4.29 14.02
CA PHE A 368 -11.23 3.65 13.04
C PHE A 368 -11.33 2.14 13.02
N THR A 369 -12.17 1.58 13.90
CA THR A 369 -12.34 0.14 13.94
C THR A 369 -13.63 -0.21 13.22
N LYS A 370 -14.21 0.77 12.53
CA LYS A 370 -15.43 0.55 11.75
C LYS A 370 -14.98 0.15 10.36
N LEU A 371 -15.71 -0.77 9.74
CA LEU A 371 -15.37 -1.21 8.39
C LEU A 371 -15.50 -0.04 7.43
N VAL A 372 -16.63 0.65 7.46
CA VAL A 372 -16.85 1.80 6.60
C VAL A 372 -16.71 3.07 7.43
N VAL A 373 -15.57 3.75 7.30
CA VAL A 373 -15.31 4.96 8.06
C VAL A 373 -15.71 6.23 7.33
N ASP A 374 -15.80 7.33 8.07
CA ASP A 374 -16.17 8.63 7.53
C ASP A 374 -14.94 9.54 7.56
N LEU A 375 -14.19 9.56 6.46
CA LEU A 375 -12.97 10.34 6.38
C LEU A 375 -13.12 11.85 6.24
N THR A 376 -14.25 12.38 6.69
CA THR A 376 -14.46 13.82 6.64
C THR A 376 -13.57 14.44 7.73
N ASP A 377 -12.58 15.23 7.31
CA ASP A 377 -11.67 15.86 8.25
C ASP A 377 -10.67 14.90 8.87
N ILE A 378 -10.48 13.74 8.26
CA ILE A 378 -9.52 12.76 8.74
C ILE A 378 -8.47 12.49 7.65
N ASP A 379 -7.21 12.79 7.95
CA ASP A 379 -6.13 12.52 6.99
C ASP A 379 -6.13 11.00 6.78
N PRO A 380 -6.32 10.54 5.53
CA PRO A 380 -6.32 9.09 5.29
C PRO A 380 -5.08 8.36 5.82
N ASP A 381 -3.92 9.01 5.79
CA ASP A 381 -2.67 8.41 6.28
C ASP A 381 -2.75 8.07 7.77
N VAL A 382 -3.54 8.87 8.48
CA VAL A 382 -3.73 8.73 9.92
C VAL A 382 -4.68 7.59 10.28
N ALA A 383 -5.71 7.40 9.46
CA ALA A 383 -6.69 6.36 9.71
C ALA A 383 -6.24 4.97 9.29
N TYR A 384 -5.37 4.90 8.28
CA TYR A 384 -4.84 3.64 7.76
C TYR A 384 -4.47 2.64 8.86
N SER A 385 -4.84 1.38 8.67
CA SER A 385 -4.54 0.33 9.65
C SER A 385 -4.85 -1.05 9.07
N SER A 386 -4.89 -2.05 9.94
CA SER A 386 -5.16 -3.42 9.53
C SER A 386 -6.65 -3.74 9.46
N VAL A 387 -7.48 -2.86 9.99
CA VAL A 387 -8.91 -3.07 10.00
C VAL A 387 -9.54 -3.34 8.63
N PRO A 388 -9.45 -2.40 7.69
CA PRO A 388 -10.07 -2.71 6.40
C PRO A 388 -9.58 -4.02 5.76
N TYR A 389 -8.35 -4.43 6.09
CA TYR A 389 -7.80 -5.69 5.56
C TYR A 389 -8.42 -6.89 6.25
N GLU A 390 -8.25 -6.94 7.57
CA GLU A 390 -8.74 -8.07 8.37
C GLU A 390 -10.23 -8.09 8.74
N LYS A 391 -10.88 -6.94 8.88
CA LYS A 391 -12.30 -6.98 9.19
C LYS A 391 -13.01 -7.19 7.84
N GLY A 392 -12.35 -6.75 6.79
CA GLY A 392 -12.89 -6.92 5.45
C GLY A 392 -12.76 -8.38 5.05
N PHE A 393 -11.62 -8.98 5.34
CA PHE A 393 -11.41 -10.39 5.01
C PHE A 393 -12.35 -11.28 5.82
N ALA A 394 -12.41 -11.03 7.13
CA ALA A 394 -13.27 -11.81 8.01
C ALA A 394 -14.71 -11.83 7.54
N LEU A 395 -15.20 -10.71 7.02
CA LEU A 395 -16.57 -10.66 6.53
C LEU A 395 -16.78 -11.55 5.30
N LEU A 396 -15.80 -11.58 4.40
CA LEU A 396 -15.89 -12.38 3.19
C LEU A 396 -15.72 -13.86 3.50
N PHE A 397 -14.88 -14.16 4.48
CA PHE A 397 -14.64 -15.54 4.87
C PHE A 397 -15.89 -16.07 5.57
N TYR A 398 -16.51 -15.22 6.38
CA TYR A 398 -17.73 -15.56 7.10
C TYR A 398 -18.85 -15.80 6.08
N LEU A 399 -18.88 -14.99 5.03
CA LEU A 399 -19.89 -15.14 3.99
C LEU A 399 -19.63 -16.42 3.21
N GLU A 400 -18.35 -16.69 2.95
CA GLU A 400 -17.95 -17.89 2.22
C GLU A 400 -18.49 -19.12 2.94
N GLN A 401 -18.22 -19.22 4.23
CA GLN A 401 -18.69 -20.38 4.99
C GLN A 401 -20.21 -20.45 5.02
N LEU A 402 -20.84 -19.29 5.10
CA LEU A 402 -22.30 -19.19 5.18
C LEU A 402 -23.02 -19.53 3.86
N LEU A 403 -22.39 -19.23 2.74
CA LEU A 403 -22.99 -19.47 1.43
C LEU A 403 -22.63 -20.78 0.73
N GLY A 404 -22.00 -21.70 1.44
CA GLY A 404 -21.69 -22.98 0.82
C GLY A 404 -20.26 -23.40 0.53
N GLY A 405 -19.28 -22.55 0.82
CA GLY A 405 -17.91 -22.97 0.55
C GLY A 405 -17.09 -22.13 -0.41
N PRO A 406 -15.76 -22.30 -0.39
CA PRO A 406 -14.84 -21.56 -1.26
C PRO A 406 -15.12 -21.61 -2.75
N GLU A 407 -15.52 -22.77 -3.27
CA GLU A 407 -15.79 -22.89 -4.72
C GLU A 407 -16.98 -22.08 -5.19
N ILE A 408 -17.98 -21.91 -4.34
CA ILE A 408 -19.16 -21.13 -4.72
C ILE A 408 -18.90 -19.63 -4.58
N PHE A 409 -18.14 -19.25 -3.55
CA PHE A 409 -17.86 -17.84 -3.33
C PHE A 409 -16.88 -17.34 -4.39
N LEU A 410 -16.02 -18.22 -4.90
CA LEU A 410 -15.06 -17.83 -5.92
C LEU A 410 -15.75 -17.57 -7.25
N GLY A 411 -16.96 -18.11 -7.39
CA GLY A 411 -17.74 -17.90 -8.60
C GLY A 411 -18.37 -16.52 -8.54
N PHE A 412 -18.78 -16.09 -7.35
CA PHE A 412 -19.37 -14.77 -7.16
C PHE A 412 -18.30 -13.72 -7.40
N LEU A 413 -17.11 -13.98 -6.88
CA LEU A 413 -16.00 -13.06 -7.00
C LEU A 413 -15.62 -12.82 -8.47
N LYS A 414 -15.50 -13.89 -9.26
CA LYS A 414 -15.18 -13.69 -10.66
C LYS A 414 -16.29 -12.91 -11.38
N ALA A 415 -17.55 -13.17 -11.02
CA ALA A 415 -18.68 -12.46 -11.63
C ALA A 415 -18.66 -10.99 -11.21
N TYR A 416 -18.26 -10.78 -9.96
CA TYR A 416 -18.15 -9.45 -9.39
C TYR A 416 -17.15 -8.62 -10.21
N VAL A 417 -16.00 -9.22 -10.54
CA VAL A 417 -14.98 -8.53 -11.32
C VAL A 417 -15.48 -8.22 -12.72
N GLU A 418 -16.11 -9.20 -13.38
CA GLU A 418 -16.62 -8.99 -14.75
C GLU A 418 -17.66 -7.87 -14.74
N LYS A 419 -18.62 -7.98 -13.84
CA LYS A 419 -19.66 -6.99 -13.70
C LYS A 419 -19.12 -5.57 -13.53
N PHE A 420 -18.20 -5.39 -12.59
CA PHE A 420 -17.69 -4.05 -12.32
C PHE A 420 -16.35 -3.58 -12.89
N SER A 421 -15.86 -4.28 -13.91
CA SER A 421 -14.59 -3.90 -14.53
C SER A 421 -14.59 -2.47 -15.08
N TYR A 422 -13.52 -1.75 -14.76
CA TYR A 422 -13.32 -0.38 -15.20
C TYR A 422 -14.23 0.63 -14.52
N LYS A 423 -14.89 0.20 -13.46
CA LYS A 423 -15.80 1.05 -12.71
C LYS A 423 -15.30 1.35 -11.30
N SER A 424 -15.98 2.28 -10.65
CA SER A 424 -15.66 2.66 -9.28
C SER A 424 -16.95 2.42 -8.51
N ILE A 425 -16.90 1.63 -7.44
CA ILE A 425 -18.10 1.33 -6.69
C ILE A 425 -18.08 1.65 -5.19
N THR A 426 -19.27 1.60 -4.60
CA THR A 426 -19.50 1.85 -3.18
C THR A 426 -19.94 0.58 -2.49
N THR A 427 -19.90 0.56 -1.17
CA THR A 427 -20.29 -0.62 -0.43
C THR A 427 -21.69 -1.05 -0.83
N ASP A 428 -22.60 -0.09 -0.99
CA ASP A 428 -23.96 -0.41 -1.38
C ASP A 428 -24.04 -1.12 -2.72
N ASP A 429 -23.16 -0.78 -3.66
CA ASP A 429 -23.17 -1.44 -4.95
C ASP A 429 -22.78 -2.88 -4.77
N TRP A 430 -21.79 -3.10 -3.91
CA TRP A 430 -21.32 -4.44 -3.62
C TRP A 430 -22.44 -5.26 -2.99
N LYS A 431 -23.01 -4.75 -1.92
CA LYS A 431 -24.08 -5.46 -1.23
C LYS A 431 -25.32 -5.72 -2.09
N ASP A 432 -25.52 -4.92 -3.12
CA ASP A 432 -26.66 -5.12 -3.99
C ASP A 432 -26.36 -6.24 -4.98
N PHE A 433 -25.14 -6.25 -5.50
CA PHE A 433 -24.77 -7.29 -6.43
C PHE A 433 -24.72 -8.63 -5.70
N LEU A 434 -24.27 -8.61 -4.45
CA LEU A 434 -24.20 -9.83 -3.66
C LEU A 434 -25.59 -10.44 -3.53
N TYR A 435 -26.57 -9.62 -3.20
CA TYR A 435 -27.94 -10.09 -3.07
C TYR A 435 -28.48 -10.57 -4.42
N SER A 436 -28.09 -9.89 -5.48
CA SER A 436 -28.53 -10.27 -6.81
C SER A 436 -27.90 -11.57 -7.27
N TYR A 437 -26.62 -11.75 -6.94
CA TYR A 437 -25.90 -12.96 -7.33
C TYR A 437 -26.38 -14.17 -6.54
N PHE A 438 -26.69 -13.95 -5.27
CA PHE A 438 -27.14 -15.02 -4.39
C PHE A 438 -28.62 -14.92 -4.05
N LYS A 439 -29.44 -14.52 -5.02
CA LYS A 439 -30.87 -14.37 -4.75
C LYS A 439 -31.55 -15.64 -4.23
N ASP A 440 -30.98 -16.80 -4.53
CA ASP A 440 -31.55 -18.08 -4.07
C ASP A 440 -31.15 -18.41 -2.63
N LYS A 441 -30.40 -17.52 -2.00
CA LYS A 441 -29.97 -17.73 -0.62
C LYS A 441 -30.14 -16.47 0.20
N VAL A 442 -31.14 -15.67 -0.14
CA VAL A 442 -31.39 -14.43 0.59
C VAL A 442 -31.79 -14.70 2.03
N ASP A 443 -32.43 -15.83 2.29
CA ASP A 443 -32.79 -16.13 3.67
C ASP A 443 -31.52 -16.10 4.50
N VAL A 444 -30.48 -16.76 3.99
CA VAL A 444 -29.16 -16.82 4.63
C VAL A 444 -28.58 -15.40 4.76
N LEU A 445 -28.56 -14.67 3.64
CA LEU A 445 -28.03 -13.31 3.63
C LEU A 445 -28.72 -12.38 4.60
N ASN A 446 -29.98 -12.67 4.90
CA ASN A 446 -30.71 -11.84 5.83
C ASN A 446 -30.42 -12.19 7.29
N GLN A 447 -29.52 -13.14 7.52
CA GLN A 447 -29.12 -13.52 8.87
C GLN A 447 -28.01 -12.61 9.36
N VAL A 448 -27.05 -12.30 8.50
CA VAL A 448 -25.95 -11.45 8.90
C VAL A 448 -26.38 -10.05 9.36
N ASP A 449 -25.74 -9.58 10.43
CA ASP A 449 -26.00 -8.28 11.03
C ASP A 449 -25.23 -7.21 10.25
N TRP A 450 -25.72 -6.87 9.06
CA TRP A 450 -25.03 -5.90 8.22
C TRP A 450 -24.54 -4.63 8.92
N ASN A 451 -25.41 -4.02 9.71
CA ASN A 451 -25.05 -2.79 10.39
C ASN A 451 -23.86 -2.98 11.32
N ALA A 452 -23.84 -4.09 12.04
CA ALA A 452 -22.75 -4.38 12.96
C ALA A 452 -21.46 -4.60 12.17
N TRP A 453 -21.57 -5.35 11.08
CA TRP A 453 -20.44 -5.65 10.22
C TRP A 453 -19.90 -4.44 9.48
N LEU A 454 -20.79 -3.64 8.91
CA LEU A 454 -20.35 -2.48 8.15
C LEU A 454 -20.14 -1.15 8.87
N TYR A 455 -20.96 -0.84 9.87
CA TYR A 455 -20.82 0.46 10.55
C TYR A 455 -20.52 0.48 12.04
N SER A 456 -20.44 -0.69 12.66
CA SER A 456 -20.15 -0.75 14.09
C SER A 456 -18.66 -0.92 14.38
N PRO A 457 -18.15 -0.25 15.42
CA PRO A 457 -16.73 -0.37 15.75
C PRO A 457 -16.44 -1.66 16.52
N GLY A 458 -15.17 -1.92 16.80
CA GLY A 458 -14.78 -3.10 17.55
C GLY A 458 -14.76 -4.39 16.76
N LEU A 459 -14.61 -5.50 17.48
CA LEU A 459 -14.56 -6.81 16.85
C LEU A 459 -15.88 -7.14 16.14
N PRO A 460 -15.81 -7.98 15.09
CA PRO A 460 -17.01 -8.37 14.34
C PRO A 460 -18.01 -9.03 15.28
N PRO A 461 -19.30 -9.02 14.92
CA PRO A 461 -20.31 -9.64 15.77
C PRO A 461 -20.24 -11.17 15.82
N ILE A 462 -19.56 -11.76 14.86
CA ILE A 462 -19.44 -13.22 14.81
C ILE A 462 -18.08 -13.61 14.23
N LYS A 463 -17.44 -14.62 14.84
CA LYS A 463 -16.12 -15.11 14.39
C LYS A 463 -16.24 -16.41 13.60
N PRO A 464 -15.66 -16.45 12.40
CA PRO A 464 -15.70 -17.64 11.55
C PRO A 464 -15.05 -18.87 12.19
N ASN A 465 -15.04 -19.98 11.44
CA ASN A 465 -14.44 -21.23 11.88
C ASN A 465 -13.11 -21.46 11.17
N TYR A 466 -12.05 -21.68 11.96
CA TYR A 466 -10.74 -21.91 11.37
C TYR A 466 -10.14 -23.27 11.71
N ASP A 467 -9.41 -23.85 10.75
CA ASP A 467 -8.73 -25.10 10.99
C ASP A 467 -7.53 -24.65 11.85
N MET A 468 -7.17 -25.44 12.86
CA MET A 468 -6.09 -25.09 13.76
C MET A 468 -4.77 -25.85 13.54
N THR A 469 -4.82 -26.93 12.77
CA THR A 469 -3.65 -27.77 12.53
C THR A 469 -2.26 -27.13 12.61
N LEU A 470 -1.94 -26.29 11.64
CA LEU A 470 -0.62 -25.65 11.59
C LEU A 470 -0.34 -24.66 12.73
N THR A 471 -1.40 -24.22 13.41
CA THR A 471 -1.31 -23.26 14.50
C THR A 471 -1.07 -23.87 15.88
N ASN A 472 -1.57 -25.08 16.11
CA ASN A 472 -1.43 -25.75 17.40
C ASN A 472 0.01 -25.81 17.91
N ALA A 473 0.95 -26.08 17.02
CA ALA A 473 2.35 -26.17 17.41
C ALA A 473 2.89 -24.85 17.96
N CYS A 474 2.48 -23.75 17.34
CA CYS A 474 2.92 -22.42 17.77
C CYS A 474 2.30 -22.09 19.12
N ILE A 475 1.01 -22.34 19.23
CA ILE A 475 0.28 -22.08 20.46
C ILE A 475 0.90 -22.87 21.61
N ALA A 476 1.19 -24.14 21.35
CA ALA A 476 1.78 -25.00 22.36
C ALA A 476 3.13 -24.50 22.85
N LEU A 477 4.02 -24.12 21.93
CA LEU A 477 5.32 -23.64 22.34
C LEU A 477 5.18 -22.30 23.08
N SER A 478 4.29 -21.44 22.60
CA SER A 478 4.07 -20.16 23.25
C SER A 478 3.56 -20.34 24.68
N GLN A 479 2.65 -21.28 24.88
CA GLN A 479 2.10 -21.53 26.22
C GLN A 479 3.14 -22.08 27.20
N ARG A 480 4.08 -22.88 26.70
CA ARG A 480 5.11 -23.43 27.57
C ARG A 480 6.02 -22.34 28.08
N TRP A 481 6.28 -21.32 27.26
CA TRP A 481 7.17 -20.23 27.68
C TRP A 481 6.51 -19.25 28.63
N ILE A 482 5.24 -18.96 28.40
CA ILE A 482 4.49 -18.04 29.26
C ILE A 482 4.24 -18.60 30.67
N THR A 483 3.92 -19.88 30.76
CA THR A 483 3.65 -20.50 32.05
C THR A 483 4.90 -21.10 32.70
N ALA A 484 6.05 -20.93 32.04
CA ALA A 484 7.32 -21.45 32.56
C ALA A 484 7.88 -20.65 33.74
N LYS A 485 8.34 -21.36 34.75
CA LYS A 485 8.93 -20.73 35.93
C LYS A 485 10.44 -20.89 35.76
N GLU A 486 11.24 -20.23 36.61
CA GLU A 486 12.69 -20.31 36.52
C GLU A 486 13.28 -21.71 36.40
N ASP A 487 12.74 -22.66 37.16
CA ASP A 487 13.24 -24.03 37.12
C ASP A 487 12.72 -24.85 35.95
N ASP A 488 12.20 -24.16 34.93
CA ASP A 488 11.71 -24.83 33.74
C ASP A 488 12.52 -24.39 32.54
N LEU A 489 13.19 -23.25 32.67
CA LEU A 489 13.97 -22.73 31.55
C LEU A 489 15.00 -23.68 30.97
N ASN A 490 15.63 -24.50 31.81
CA ASN A 490 16.64 -25.46 31.35
C ASN A 490 16.06 -26.55 30.44
N SER A 491 14.75 -26.75 30.47
CA SER A 491 14.13 -27.77 29.64
C SER A 491 13.92 -27.34 28.17
N PHE A 492 14.13 -26.06 27.89
CA PHE A 492 13.98 -25.55 26.54
C PHE A 492 15.27 -25.82 25.78
N ASN A 493 15.14 -26.26 24.53
CA ASN A 493 16.28 -26.59 23.67
C ASN A 493 16.02 -26.26 22.21
N ALA A 494 17.09 -26.08 21.45
CA ALA A 494 17.00 -25.75 20.04
C ALA A 494 16.11 -26.69 19.20
N THR A 495 15.86 -27.90 19.70
CA THR A 495 15.05 -28.85 18.96
C THR A 495 13.56 -28.53 18.99
N ASP A 496 13.16 -27.63 19.88
CA ASP A 496 11.75 -27.26 19.98
C ASP A 496 11.28 -26.73 18.63
N LEU A 497 12.21 -26.09 17.91
CA LEU A 497 11.94 -25.46 16.62
C LEU A 497 12.20 -26.29 15.36
N LYS A 498 12.68 -27.52 15.51
CA LYS A 498 13.02 -28.35 14.35
C LYS A 498 11.94 -28.64 13.31
N ASP A 499 10.68 -28.71 13.73
CA ASP A 499 9.62 -29.00 12.78
C ASP A 499 8.77 -27.78 12.37
N LEU A 500 9.12 -26.61 12.89
CA LEU A 500 8.40 -25.38 12.59
C LEU A 500 8.95 -24.65 11.37
N SER A 501 8.05 -24.20 10.49
CA SER A 501 8.45 -23.44 9.29
C SER A 501 8.71 -21.99 9.72
N SER A 502 9.07 -21.12 8.78
CA SER A 502 9.33 -19.72 9.13
C SER A 502 8.02 -19.02 9.49
N HIS A 503 6.92 -19.45 8.88
CA HIS A 503 5.61 -18.89 9.19
C HIS A 503 5.16 -19.27 10.61
N GLN A 504 5.43 -20.51 11.01
CA GLN A 504 5.05 -20.94 12.36
C GLN A 504 5.97 -20.29 13.38
N LEU A 505 7.20 -19.99 12.99
CA LEU A 505 8.10 -19.35 13.92
C LEU A 505 7.57 -17.94 14.15
N ASN A 506 7.07 -17.32 13.08
CA ASN A 506 6.52 -15.97 13.19
C ASN A 506 5.22 -15.95 14.00
N GLU A 507 4.43 -17.01 13.89
CA GLU A 507 3.17 -17.06 14.66
C GLU A 507 3.46 -17.29 16.15
N PHE A 508 4.52 -18.04 16.44
CA PHE A 508 4.91 -18.29 17.81
C PHE A 508 5.21 -16.95 18.48
N LEU A 509 6.07 -16.15 17.86
CA LEU A 509 6.43 -14.84 18.41
C LEU A 509 5.23 -13.94 18.53
N ALA A 510 4.34 -13.98 17.54
CA ALA A 510 3.14 -13.14 17.59
C ALA A 510 2.27 -13.51 18.80
N GLN A 511 2.14 -14.82 19.06
CA GLN A 511 1.36 -15.33 20.19
C GLN A 511 2.03 -14.95 21.51
N THR A 512 3.35 -14.91 21.51
CA THR A 512 4.08 -14.58 22.74
C THR A 512 4.11 -13.07 22.96
N LEU A 513 4.15 -12.30 21.88
CA LEU A 513 4.16 -10.86 21.96
C LEU A 513 2.82 -10.36 22.51
N GLN A 514 1.73 -11.03 22.15
CA GLN A 514 0.40 -10.65 22.65
C GLN A 514 0.32 -10.72 24.18
N ARG A 515 1.21 -11.50 24.81
CA ARG A 515 1.24 -11.64 26.28
C ARG A 515 2.45 -10.96 26.92
N ALA A 516 3.17 -10.16 26.13
CA ALA A 516 4.34 -9.46 26.64
C ALA A 516 3.86 -8.46 27.68
N PRO A 517 4.74 -8.09 28.61
CA PRO A 517 6.11 -8.59 28.68
C PRO A 517 6.26 -9.96 29.31
N LEU A 518 7.45 -10.53 29.17
CA LEU A 518 7.81 -11.81 29.75
C LEU A 518 8.99 -11.55 30.69
N PRO A 519 9.20 -12.41 31.70
CA PRO A 519 10.32 -12.17 32.63
C PRO A 519 11.59 -11.99 31.81
N LEU A 520 12.43 -11.04 32.21
CA LEU A 520 13.66 -10.76 31.49
C LEU A 520 14.53 -12.00 31.34
N GLY A 521 14.56 -12.86 32.36
CA GLY A 521 15.35 -14.08 32.29
C GLY A 521 14.85 -15.03 31.20
N HIS A 522 13.54 -15.12 31.03
CA HIS A 522 12.96 -15.99 29.99
C HIS A 522 13.48 -15.54 28.62
N ILE A 523 13.44 -14.24 28.37
CA ILE A 523 13.92 -13.67 27.11
C ILE A 523 15.39 -14.02 26.86
N LYS A 524 16.23 -13.84 27.87
CA LYS A 524 17.64 -14.17 27.74
C LYS A 524 17.79 -15.65 27.40
N ARG A 525 16.95 -16.48 28.00
CA ARG A 525 17.01 -17.92 27.75
C ARG A 525 16.60 -18.25 26.31
N MET A 526 15.61 -17.51 25.81
CA MET A 526 15.12 -17.72 24.46
C MET A 526 16.23 -17.42 23.45
N GLN A 527 17.00 -16.37 23.67
CA GLN A 527 18.08 -16.03 22.75
C GLN A 527 19.20 -17.04 22.87
N GLU A 528 19.43 -17.50 24.09
CA GLU A 528 20.46 -18.46 24.36
C GLU A 528 20.23 -19.74 23.58
N VAL A 529 18.98 -20.19 23.47
CA VAL A 529 18.69 -21.44 22.78
C VAL A 529 18.19 -21.37 21.36
N TYR A 530 17.40 -20.35 21.03
CA TYR A 530 16.89 -20.24 19.66
C TYR A 530 17.70 -19.26 18.83
N ASN A 531 18.56 -18.51 19.50
CA ASN A 531 19.38 -17.49 18.86
C ASN A 531 18.62 -16.69 17.79
N PHE A 532 17.55 -16.03 18.20
CA PHE A 532 16.75 -15.23 17.27
C PHE A 532 17.49 -13.97 16.79
N ASN A 533 18.54 -13.57 17.50
CA ASN A 533 19.30 -12.38 17.12
C ASN A 533 20.00 -12.61 15.78
N ALA A 534 20.20 -13.87 15.43
CA ALA A 534 20.86 -14.22 14.17
C ALA A 534 19.94 -14.25 12.96
N ILE A 535 18.64 -14.46 13.18
CA ILE A 535 17.69 -14.53 12.08
C ILE A 535 17.58 -13.18 11.34
N ASN A 536 17.48 -13.25 10.02
CA ASN A 536 17.37 -12.03 9.25
C ASN A 536 15.98 -11.77 8.70
N ASN A 537 15.12 -12.79 8.68
CA ASN A 537 13.73 -12.64 8.21
C ASN A 537 13.18 -11.41 8.96
N SER A 538 12.97 -10.33 8.21
CA SER A 538 12.49 -9.08 8.78
C SER A 538 11.21 -9.21 9.61
N GLU A 539 10.30 -10.08 9.20
CA GLU A 539 9.06 -10.24 9.95
C GLU A 539 9.31 -10.84 11.32
N ILE A 540 10.18 -11.84 11.38
CA ILE A 540 10.50 -12.49 12.63
C ILE A 540 11.41 -11.61 13.48
N ARG A 541 12.40 -10.98 12.86
CA ARG A 541 13.32 -10.11 13.58
C ARG A 541 12.54 -8.98 14.28
N PHE A 542 11.66 -8.34 13.52
CA PHE A 542 10.82 -7.26 14.05
C PHE A 542 10.07 -7.70 15.31
N ARG A 543 9.40 -8.84 15.23
CA ARG A 543 8.62 -9.33 16.37
C ARG A 543 9.47 -9.71 17.56
N TRP A 544 10.65 -10.25 17.30
CA TRP A 544 11.56 -10.63 18.36
C TRP A 544 12.05 -9.36 19.06
N LEU A 545 12.46 -8.37 18.28
CA LEU A 545 12.93 -7.13 18.88
C LEU A 545 11.83 -6.40 19.66
N ARG A 546 10.58 -6.46 19.23
CA ARG A 546 9.55 -5.79 20.00
C ARG A 546 9.46 -6.49 21.35
N LEU A 547 9.39 -7.82 21.31
CA LEU A 547 9.31 -8.64 22.51
C LEU A 547 10.43 -8.25 23.50
N CYS A 548 11.67 -8.19 23.03
CA CYS A 548 12.79 -7.84 23.91
C CYS A 548 12.60 -6.45 24.53
N ILE A 549 12.33 -5.45 23.69
CA ILE A 549 12.14 -4.11 24.19
C ILE A 549 11.01 -4.02 25.20
N GLN A 550 9.84 -4.58 24.84
CA GLN A 550 8.68 -4.57 25.73
C GLN A 550 8.95 -5.33 27.02
N SER A 551 9.92 -6.25 26.99
CA SER A 551 10.27 -7.02 28.16
C SER A 551 11.46 -6.36 28.88
N LYS A 552 11.79 -5.15 28.44
CA LYS A 552 12.83 -4.33 29.02
C LYS A 552 14.28 -4.82 28.93
N TRP A 553 14.64 -5.50 27.86
CA TRP A 553 16.01 -5.97 27.74
C TRP A 553 16.87 -4.89 27.08
N GLU A 554 17.70 -4.22 27.87
CA GLU A 554 18.57 -3.14 27.39
C GLU A 554 19.48 -3.48 26.23
N ASP A 555 19.92 -4.73 26.15
CA ASP A 555 20.80 -5.17 25.07
C ASP A 555 20.18 -5.00 23.69
N ALA A 556 18.86 -5.14 23.61
CA ALA A 556 18.18 -5.02 22.33
C ALA A 556 17.95 -3.58 21.87
N ILE A 557 18.17 -2.61 22.75
CA ILE A 557 17.96 -1.22 22.36
C ILE A 557 18.73 -0.88 21.10
N PRO A 558 20.04 -1.16 21.06
CA PRO A 558 20.78 -0.84 19.83
C PRO A 558 20.30 -1.59 18.59
N LEU A 559 19.89 -2.85 18.75
CA LEU A 559 19.39 -3.63 17.61
C LEU A 559 18.07 -3.03 17.13
N ALA A 560 17.21 -2.67 18.09
CA ALA A 560 15.92 -2.08 17.76
C ALA A 560 16.13 -0.74 17.07
N LEU A 561 17.08 0.05 17.57
CA LEU A 561 17.36 1.33 16.96
C LEU A 561 17.87 1.17 15.55
N LYS A 562 18.81 0.27 15.35
CA LYS A 562 19.38 0.02 14.04
C LYS A 562 18.27 -0.32 13.04
N MET A 563 17.48 -1.33 13.35
CA MET A 563 16.40 -1.75 12.45
C MET A 563 15.38 -0.65 12.19
N ALA A 564 15.02 0.09 13.22
CA ALA A 564 14.05 1.16 13.11
C ALA A 564 14.48 2.27 12.15
N THR A 565 15.77 2.37 11.86
CA THR A 565 16.26 3.42 10.97
C THR A 565 16.94 2.97 9.67
N GLU A 566 17.50 1.76 9.63
CA GLU A 566 18.14 1.30 8.42
C GLU A 566 17.15 0.94 7.33
N GLN A 567 15.88 0.78 7.72
CA GLN A 567 14.81 0.49 6.77
C GLN A 567 13.68 1.42 7.21
N GLY A 568 12.63 1.55 6.41
CA GLY A 568 11.55 2.45 6.77
C GLY A 568 10.15 1.95 6.50
N ARG A 569 9.98 0.64 6.44
CA ARG A 569 8.65 0.08 6.21
C ARG A 569 7.87 0.48 7.45
N MET A 570 6.84 1.31 7.28
CA MET A 570 6.06 1.76 8.44
C MET A 570 5.57 0.66 9.37
N LYS A 571 5.25 -0.50 8.80
CA LYS A 571 4.79 -1.65 9.58
C LYS A 571 5.77 -2.03 10.71
N PHE A 572 7.05 -1.73 10.52
CA PHE A 572 8.06 -2.05 11.53
C PHE A 572 8.54 -0.79 12.28
N THR A 573 8.95 0.20 11.50
CA THR A 573 9.45 1.44 12.05
C THR A 573 8.53 2.11 13.07
N ARG A 574 7.24 2.22 12.76
CA ARG A 574 6.37 2.89 13.72
C ARG A 574 6.25 2.12 15.03
N PRO A 575 6.03 0.81 14.98
CA PRO A 575 5.93 0.12 16.27
C PRO A 575 7.27 0.14 17.05
N LEU A 576 8.40 0.04 16.34
CA LEU A 576 9.70 0.03 17.00
C LEU A 576 10.00 1.34 17.72
N PHE A 577 9.64 2.46 17.11
CA PHE A 577 9.88 3.75 17.74
C PHE A 577 8.94 3.95 18.91
N LYS A 578 7.71 3.46 18.76
CA LYS A 578 6.73 3.63 19.81
C LYS A 578 7.13 2.85 21.06
N ASP A 579 7.60 1.63 20.87
CA ASP A 579 8.01 0.81 22.02
C ASP A 579 9.28 1.35 22.66
N LEU A 580 10.21 1.87 21.86
CA LEU A 580 11.43 2.43 22.42
C LEU A 580 11.11 3.69 23.21
N ALA A 581 10.11 4.43 22.77
CA ALA A 581 9.72 5.65 23.46
C ALA A 581 8.99 5.37 24.77
N ALA A 582 8.38 4.19 24.88
CA ALA A 582 7.67 3.82 26.09
C ALA A 582 8.58 3.15 27.12
N PHE A 583 9.79 2.79 26.73
CA PHE A 583 10.73 2.15 27.64
C PHE A 583 11.65 3.27 28.15
N ASP A 584 11.52 3.61 29.43
CA ASP A 584 12.30 4.70 30.02
C ASP A 584 13.78 4.74 29.71
N LYS A 585 14.39 3.57 29.50
CA LYS A 585 15.83 3.50 29.22
C LYS A 585 16.20 3.98 27.82
N SER A 586 15.31 3.78 26.87
CA SER A 586 15.59 4.17 25.49
C SER A 586 14.85 5.42 25.05
N HIS A 587 13.94 5.90 25.89
CA HIS A 587 13.16 7.08 25.54
C HIS A 587 13.99 8.20 24.92
N ASP A 588 14.93 8.74 25.69
CA ASP A 588 15.75 9.83 25.19
C ASP A 588 16.41 9.55 23.85
N GLN A 589 16.98 8.36 23.70
CA GLN A 589 17.66 8.00 22.46
C GLN A 589 16.72 7.82 21.25
N ALA A 590 15.50 7.33 21.48
CA ALA A 590 14.55 7.15 20.37
C ALA A 590 14.17 8.50 19.78
N VAL A 591 14.00 9.48 20.66
CA VAL A 591 13.66 10.85 20.24
C VAL A 591 14.83 11.47 19.49
N ARG A 592 16.03 11.36 20.05
CA ARG A 592 17.21 11.91 19.41
C ARG A 592 17.43 11.31 18.03
N THR A 593 17.22 10.01 17.91
CA THR A 593 17.41 9.33 16.63
C THR A 593 16.39 9.82 15.61
N TYR A 594 15.15 9.99 16.04
CA TYR A 594 14.11 10.47 15.14
C TYR A 594 14.46 11.87 14.63
N GLN A 595 14.86 12.76 15.53
CA GLN A 595 15.21 14.12 15.14
C GLN A 595 16.41 14.18 14.20
N GLU A 596 17.36 13.26 14.37
CA GLU A 596 18.54 13.25 13.51
C GLU A 596 18.27 12.67 12.10
N HIS A 597 17.37 11.71 12.00
CA HIS A 597 17.05 11.08 10.71
C HIS A 597 15.87 11.71 9.99
N LYS A 598 15.04 12.42 10.75
CA LYS A 598 13.85 13.06 10.22
C LYS A 598 14.01 13.64 8.81
N ALA A 599 14.89 14.62 8.68
CA ALA A 599 15.11 15.29 7.39
C ALA A 599 15.35 14.36 6.20
N SER A 600 15.89 13.16 6.44
CA SER A 600 16.14 12.22 5.36
C SER A 600 15.23 10.98 5.31
N MET A 601 14.13 11.01 6.05
CA MET A 601 13.15 9.91 6.05
C MET A 601 12.08 10.20 5.01
N HIS A 602 11.29 9.19 4.66
CA HIS A 602 10.20 9.43 3.71
C HIS A 602 9.29 10.47 4.38
N PRO A 603 8.88 11.50 3.63
CA PRO A 603 8.02 12.54 4.22
C PRO A 603 6.81 12.07 5.03
N VAL A 604 6.04 11.11 4.50
CA VAL A 604 4.85 10.64 5.22
C VAL A 604 5.21 9.93 6.51
N THR A 605 6.28 9.14 6.47
CA THR A 605 6.77 8.40 7.62
C THR A 605 7.24 9.35 8.72
N ALA A 606 7.94 10.42 8.34
CA ALA A 606 8.42 11.38 9.33
C ALA A 606 7.24 11.91 10.10
N MET A 607 6.20 12.33 9.37
CA MET A 607 4.98 12.87 9.95
C MET A 607 4.37 11.93 10.99
N LEU A 608 4.00 10.73 10.55
CA LEU A 608 3.38 9.73 11.43
C LEU A 608 4.22 9.31 12.63
N VAL A 609 5.53 9.17 12.45
CA VAL A 609 6.39 8.80 13.58
C VAL A 609 6.42 10.00 14.52
N GLY A 610 6.39 11.19 13.92
CA GLY A 610 6.39 12.41 14.71
C GLY A 610 5.15 12.45 15.58
N LYS A 611 4.02 11.98 15.05
CA LYS A 611 2.78 11.97 15.83
C LYS A 611 2.82 10.92 16.94
N ASP A 612 3.23 9.71 16.60
CA ASP A 612 3.29 8.61 17.56
C ASP A 612 4.17 8.97 18.76
N LEU A 613 5.35 9.55 18.49
CA LEU A 613 6.27 9.92 19.56
C LEU A 613 5.83 11.22 20.25
N LYS A 614 4.91 11.93 19.61
CA LYS A 614 4.38 13.18 20.14
C LYS A 614 5.48 14.24 20.25
N VAL A 615 6.16 14.50 19.14
CA VAL A 615 7.21 15.52 19.09
C VAL A 615 6.88 16.49 17.98
N ASP A 616 7.47 17.68 18.06
CA ASP A 616 7.24 18.76 17.11
C ASP A 616 5.86 19.36 17.33
N ARG B 1 -2.56 -1.75 -1.36
CA ARG B 1 -1.18 -1.93 -0.87
C ARG B 1 -1.11 -2.85 0.33
N ALA B 2 0.08 -3.32 0.63
CA ALA B 2 0.27 -4.21 1.76
C ALA B 2 1.05 -3.49 2.84
N ARG B 3 0.59 -3.58 4.08
CA ARG B 3 1.32 -2.93 5.16
C ARG B 3 2.76 -3.47 5.15
#